data_3D0C
#
_entry.id   3D0C
#
_cell.length_a   157.037
_cell.length_b   57.063
_cell.length_c   71.457
_cell.angle_alpha   90.00
_cell.angle_beta   90.00
_cell.angle_gamma   90.00
#
_symmetry.space_group_name_H-M   'P 21 21 2'
#
loop_
_entity.id
_entity.type
_entity.pdbx_description
1 polymer 'Dihydrodipicolinate synthase'
2 water water
#
_entity_poly.entity_id   1
_entity_poly.type   'polypeptide(L)'
_entity_poly.pdbx_seq_one_letter_code
;(MSE)SLDYGEFSKRFSTISGINIVPFLEGTREIDWKGLDDNVEFLLQNGIEVIVPNGNTGEFYALTIEEAKQVATRVTE
LVNGRATVVAGIGYSVDTAIELGKSAIDSGADCV(MSE)IHQPVHPYITDAGAVEYYRNIIEALDAPSIIYFKDAHLSDD
VIKELAPLDKLVGIKYAINDIQRVTQV(MSE)RAVPKSSNVAFICGTAEKWAPFFYHAGAVGFTSGLVNVFPQKSFALLE
ALEEGNQEKIWDVWEDVVPFEDLRAKHNNGNNVVIIKEA(MSE)EQLGLRAGVTREPVNPLSPNDRLELEELLKSWNTQE
VREGHHHHHH
;
_entity_poly.pdbx_strand_id   A,B
#
# COMPACT_ATOMS: atom_id res chain seq x y z
N LEU A 3 30.78 -15.72 1.68
CA LEU A 3 30.33 -14.73 0.67
C LEU A 3 30.65 -13.32 1.15
N ASP A 4 31.48 -12.60 0.39
CA ASP A 4 31.81 -11.23 0.76
C ASP A 4 30.76 -10.29 0.19
N TYR A 5 30.05 -9.63 1.09
CA TYR A 5 28.99 -8.70 0.70
C TYR A 5 29.51 -7.58 -0.19
N GLY A 6 30.72 -7.12 0.09
CA GLY A 6 31.29 -6.07 -0.72
C GLY A 6 31.21 -6.40 -2.20
N GLU A 7 31.67 -7.60 -2.57
CA GLU A 7 31.65 -8.03 -3.96
C GLU A 7 30.23 -8.23 -4.47
N PHE A 8 29.36 -8.71 -3.58
CA PHE A 8 27.96 -8.95 -3.95
C PHE A 8 27.28 -7.67 -4.42
N SER A 9 27.50 -6.56 -3.71
CA SER A 9 26.88 -5.29 -4.07
C SER A 9 27.31 -4.82 -5.46
N LYS A 10 28.48 -5.25 -5.91
CA LYS A 10 28.97 -4.86 -7.24
C LYS A 10 28.10 -5.41 -8.37
N ARG A 11 27.35 -6.47 -8.08
CA ARG A 11 26.48 -7.09 -9.09
C ARG A 11 25.41 -6.13 -9.61
N PHE A 12 25.08 -5.12 -8.82
CA PHE A 12 24.02 -4.18 -9.20
C PHE A 12 24.44 -2.99 -10.05
N SER A 13 25.71 -2.97 -10.46
CA SER A 13 26.20 -1.89 -11.33
C SER A 13 25.82 -2.27 -12.75
N THR A 14 24.51 -2.32 -13.01
CA THR A 14 24.00 -2.69 -14.32
C THR A 14 22.50 -2.44 -14.30
N ILE A 15 21.77 -3.01 -15.25
CA ILE A 15 20.33 -2.84 -15.27
C ILE A 15 19.66 -3.95 -14.47
N SER A 16 18.77 -3.57 -13.56
CA SER A 16 18.02 -4.54 -12.77
C SER A 16 16.69 -4.65 -13.48
N GLY A 17 16.50 -5.75 -14.21
CA GLY A 17 15.27 -5.95 -14.95
C GLY A 17 14.15 -6.51 -14.10
N ILE A 18 13.00 -5.88 -14.16
CA ILE A 18 11.82 -6.30 -13.42
C ILE A 18 10.87 -6.95 -14.43
N ASN A 19 10.80 -8.28 -14.42
CA ASN A 19 9.98 -9.02 -15.36
C ASN A 19 8.49 -8.89 -15.09
N ILE A 20 7.68 -9.25 -16.08
CA ILE A 20 6.24 -9.21 -15.89
C ILE A 20 5.80 -10.62 -15.53
N VAL A 21 4.51 -10.76 -15.23
CA VAL A 21 3.91 -12.06 -14.95
C VAL A 21 2.68 -12.09 -15.83
N PRO A 22 2.76 -12.74 -16.99
CA PRO A 22 1.60 -12.79 -17.88
C PRO A 22 0.47 -13.63 -17.27
N PHE A 23 -0.76 -13.24 -17.55
CA PHE A 23 -1.91 -13.97 -17.04
C PHE A 23 -2.70 -14.53 -18.23
N LEU A 24 -3.53 -15.54 -17.97
CA LEU A 24 -4.31 -16.16 -19.04
C LEU A 24 -5.66 -15.50 -19.36
N GLU A 25 -6.16 -15.85 -20.54
CA GLU A 25 -7.41 -15.40 -21.12
C GLU A 25 -8.35 -14.59 -20.21
N GLY A 26 -9.34 -15.28 -19.62
CA GLY A 26 -10.30 -14.61 -18.76
C GLY A 26 -10.27 -15.14 -17.34
N THR A 27 -9.57 -16.25 -17.12
CA THR A 27 -9.46 -16.83 -15.79
C THR A 27 -8.42 -16.02 -15.01
N ARG A 28 -7.55 -15.33 -15.75
CA ARG A 28 -6.49 -14.51 -15.18
C ARG A 28 -5.45 -15.34 -14.43
N GLU A 29 -5.49 -16.65 -14.60
CA GLU A 29 -4.51 -17.50 -13.93
C GLU A 29 -3.14 -17.21 -14.54
N ILE A 30 -2.08 -17.52 -13.80
CA ILE A 30 -0.73 -17.28 -14.29
C ILE A 30 -0.40 -18.12 -15.53
N ASP A 31 0.12 -17.45 -16.54
CA ASP A 31 0.51 -18.09 -17.79
C ASP A 31 1.97 -18.47 -17.60
N TRP A 32 2.21 -19.67 -17.06
CA TRP A 32 3.56 -20.11 -16.79
C TRP A 32 4.47 -20.16 -18.02
N LYS A 33 3.89 -20.47 -19.17
CA LYS A 33 4.64 -20.53 -20.42
C LYS A 33 5.10 -19.11 -20.74
N GLY A 34 4.16 -18.17 -20.73
CA GLY A 34 4.48 -16.78 -21.02
C GLY A 34 5.55 -16.23 -20.09
N LEU A 35 5.48 -16.62 -18.82
CA LEU A 35 6.46 -16.17 -17.82
C LEU A 35 7.84 -16.73 -18.15
N ASP A 36 7.90 -18.03 -18.46
CA ASP A 36 9.19 -18.64 -18.79
C ASP A 36 9.80 -17.92 -19.98
N ASP A 37 8.97 -17.60 -20.97
CA ASP A 37 9.43 -16.92 -22.17
C ASP A 37 9.86 -15.49 -21.93
N ASN A 38 9.23 -14.82 -20.98
CA ASN A 38 9.62 -13.46 -20.70
C ASN A 38 10.99 -13.46 -20.03
N VAL A 39 11.20 -14.42 -19.15
CA VAL A 39 12.47 -14.58 -18.44
C VAL A 39 13.58 -14.91 -19.45
N GLU A 40 13.29 -15.79 -20.39
CA GLU A 40 14.27 -16.18 -21.42
C GLU A 40 14.61 -14.95 -22.28
N PHE A 41 13.59 -14.18 -22.62
CA PHE A 41 13.74 -12.99 -23.44
C PHE A 41 14.71 -12.02 -22.78
N LEU A 42 14.53 -11.82 -21.47
CA LEU A 42 15.38 -10.92 -20.70
C LEU A 42 16.82 -11.43 -20.66
N LEU A 43 16.99 -12.72 -20.41
CA LEU A 43 18.33 -13.29 -20.35
C LEU A 43 19.03 -13.27 -21.70
N GLN A 44 18.30 -13.55 -22.76
CA GLN A 44 18.87 -13.57 -24.10
C GLN A 44 19.31 -12.17 -24.52
N ASN A 45 18.70 -11.17 -23.92
CA ASN A 45 19.03 -9.79 -24.24
C ASN A 45 20.04 -9.14 -23.29
N GLY A 46 20.71 -9.96 -22.50
CA GLY A 46 21.74 -9.44 -21.60
C GLY A 46 21.44 -9.11 -20.15
N ILE A 47 20.19 -9.22 -19.70
CA ILE A 47 19.90 -8.89 -18.31
C ILE A 47 20.73 -9.74 -17.35
N GLU A 48 21.45 -9.06 -16.45
CA GLU A 48 22.32 -9.71 -15.45
C GLU A 48 21.67 -9.82 -14.08
N VAL A 49 20.63 -9.00 -13.86
CA VAL A 49 19.90 -8.99 -12.60
C VAL A 49 18.41 -8.99 -12.93
N ILE A 50 17.70 -9.98 -12.43
CA ILE A 50 16.28 -10.07 -12.70
C ILE A 50 15.55 -9.98 -11.37
N VAL A 51 14.40 -9.31 -11.37
CA VAL A 51 13.67 -9.13 -10.12
C VAL A 51 12.25 -9.66 -10.13
N PRO A 52 12.05 -10.95 -9.77
CA PRO A 52 10.69 -11.49 -9.75
C PRO A 52 9.94 -10.87 -8.56
N ASN A 53 8.63 -10.74 -8.68
CA ASN A 53 7.79 -10.15 -7.64
C ASN A 53 8.09 -8.68 -7.37
N GLY A 54 8.36 -7.98 -8.48
CA GLY A 54 8.57 -6.55 -8.44
C GLY A 54 7.18 -6.02 -8.80
N ASN A 55 6.97 -4.72 -8.75
CA ASN A 55 5.65 -4.19 -9.08
C ASN A 55 5.37 -4.37 -10.57
N THR A 56 6.41 -4.50 -11.39
CA THR A 56 6.19 -4.69 -12.82
C THR A 56 5.64 -6.09 -13.03
N GLY A 57 5.78 -6.92 -11.99
CA GLY A 57 5.27 -8.27 -12.05
C GLY A 57 3.93 -8.39 -11.35
N GLU A 58 3.32 -7.25 -11.05
CA GLU A 58 2.02 -7.20 -10.39
C GLU A 58 1.99 -8.03 -9.09
N PHE A 59 3.06 -7.87 -8.32
CA PHE A 59 3.22 -8.57 -7.05
C PHE A 59 1.98 -8.50 -6.17
N TYR A 60 1.43 -7.29 -6.00
CA TYR A 60 0.26 -7.14 -5.15
C TYR A 60 -1.06 -7.72 -5.68
N ALA A 61 -1.07 -8.17 -6.93
CA ALA A 61 -2.28 -8.77 -7.50
C ALA A 61 -2.21 -10.30 -7.36
N LEU A 62 -1.12 -10.77 -6.75
CA LEU A 62 -0.88 -12.20 -6.54
C LEU A 62 -1.17 -12.59 -5.10
N THR A 63 -1.66 -13.80 -4.89
CA THR A 63 -1.90 -14.30 -3.54
C THR A 63 -0.49 -14.63 -3.05
N ILE A 64 -0.36 -14.92 -1.76
CA ILE A 64 0.94 -15.27 -1.19
C ILE A 64 1.46 -16.55 -1.86
N GLU A 65 0.57 -17.52 -2.04
CA GLU A 65 0.94 -18.78 -2.67
C GLU A 65 1.47 -18.56 -4.10
N GLU A 66 0.77 -17.73 -4.87
CA GLU A 66 1.20 -17.45 -6.23
C GLU A 66 2.53 -16.70 -6.25
N ALA A 67 2.74 -15.81 -5.30
CA ALA A 67 4.00 -15.06 -5.26
C ALA A 67 5.18 -15.99 -5.02
N LYS A 68 5.02 -16.95 -4.11
CA LYS A 68 6.11 -17.88 -3.86
C LYS A 68 6.37 -18.70 -5.14
N GLN A 69 5.29 -19.10 -5.82
CA GLN A 69 5.42 -19.88 -7.05
C GLN A 69 6.18 -19.13 -8.15
N VAL A 70 5.90 -17.83 -8.27
CA VAL A 70 6.59 -17.02 -9.28
C VAL A 70 8.06 -16.90 -8.94
N ALA A 71 8.37 -16.57 -7.69
CA ALA A 71 9.77 -16.43 -7.29
C ALA A 71 10.49 -17.75 -7.55
N THR A 72 9.90 -18.85 -7.09
CA THR A 72 10.48 -20.16 -7.26
C THR A 72 10.73 -20.45 -8.74
N ARG A 73 9.69 -20.24 -9.55
CA ARG A 73 9.75 -20.49 -10.99
C ARG A 73 10.86 -19.71 -11.68
N VAL A 74 10.91 -18.41 -11.42
CA VAL A 74 11.94 -17.57 -12.03
C VAL A 74 13.33 -18.00 -11.59
N THR A 75 13.51 -18.18 -10.27
CA THR A 75 14.81 -18.58 -9.75
C THR A 75 15.35 -19.85 -10.42
N GLU A 76 14.49 -20.87 -10.49
CA GLU A 76 14.89 -22.14 -11.10
C GLU A 76 15.13 -22.02 -12.61
N LEU A 77 14.30 -21.25 -13.30
CA LEU A 77 14.48 -21.07 -14.73
C LEU A 77 15.80 -20.35 -15.01
N VAL A 78 16.06 -19.27 -14.28
CA VAL A 78 17.30 -18.52 -14.44
C VAL A 78 18.47 -19.46 -14.20
N ASN A 79 18.33 -20.31 -13.19
CA ASN A 79 19.33 -21.31 -12.85
C ASN A 79 20.76 -20.76 -12.82
N GLY A 80 20.94 -19.66 -12.11
CA GLY A 80 22.27 -19.07 -11.98
C GLY A 80 22.79 -18.25 -13.15
N ARG A 81 22.02 -18.12 -14.22
CA ARG A 81 22.46 -17.33 -15.38
C ARG A 81 22.49 -15.83 -15.09
N ALA A 82 21.80 -15.42 -14.03
CA ALA A 82 21.75 -14.02 -13.62
C ALA A 82 21.49 -13.97 -12.13
N THR A 83 21.65 -12.80 -11.54
CA THR A 83 21.40 -12.63 -10.11
C THR A 83 19.89 -12.46 -9.95
N VAL A 84 19.30 -13.22 -9.03
CA VAL A 84 17.86 -13.13 -8.82
C VAL A 84 17.54 -12.43 -7.49
N VAL A 85 16.71 -11.40 -7.58
CA VAL A 85 16.30 -10.64 -6.42
C VAL A 85 14.80 -10.83 -6.28
N ALA A 86 14.40 -11.49 -5.20
CA ALA A 86 13.00 -11.78 -4.96
C ALA A 86 12.31 -10.71 -4.11
N GLY A 87 11.25 -10.13 -4.66
CA GLY A 87 10.52 -9.11 -3.93
C GLY A 87 9.66 -9.67 -2.82
N ILE A 88 9.70 -9.00 -1.67
CA ILE A 88 8.91 -9.40 -0.51
C ILE A 88 8.26 -8.16 0.10
N GLY A 89 7.20 -8.38 0.87
CA GLY A 89 6.50 -7.27 1.50
C GLY A 89 5.51 -7.73 2.55
N TYR A 90 4.58 -6.84 2.89
CA TYR A 90 3.54 -7.09 3.87
C TYR A 90 4.06 -7.00 5.30
N SER A 91 3.38 -7.65 6.24
CA SER A 91 3.79 -7.62 7.65
C SER A 91 5.18 -8.25 7.82
N VAL A 92 5.85 -7.92 8.93
CA VAL A 92 7.19 -8.46 9.16
C VAL A 92 7.30 -9.97 8.99
N ASP A 93 6.39 -10.72 9.63
CA ASP A 93 6.40 -12.18 9.55
C ASP A 93 6.09 -12.70 8.15
N THR A 94 5.22 -11.99 7.44
CA THR A 94 4.86 -12.39 6.09
C THR A 94 6.02 -12.12 5.14
N ALA A 95 6.74 -11.03 5.37
CA ALA A 95 7.89 -10.69 4.53
C ALA A 95 8.93 -11.77 4.69
N ILE A 96 9.17 -12.16 5.95
CA ILE A 96 10.15 -13.20 6.26
C ILE A 96 9.72 -14.52 5.62
N GLU A 97 8.42 -14.81 5.69
CA GLU A 97 7.88 -16.03 5.12
C GLU A 97 8.17 -16.06 3.61
N LEU A 98 7.90 -14.95 2.93
CA LEU A 98 8.16 -14.86 1.50
C LEU A 98 9.66 -14.94 1.23
N GLY A 99 10.45 -14.29 2.08
CA GLY A 99 11.88 -14.30 1.91
C GLY A 99 12.50 -15.67 2.04
N LYS A 100 12.18 -16.37 3.14
CA LYS A 100 12.72 -17.70 3.35
C LYS A 100 12.37 -18.61 2.19
N SER A 101 11.14 -18.48 1.69
CA SER A 101 10.70 -19.30 0.57
C SER A 101 11.51 -19.08 -0.71
N ALA A 102 11.71 -17.82 -1.08
CA ALA A 102 12.47 -17.51 -2.29
C ALA A 102 13.92 -17.95 -2.17
N ILE A 103 14.53 -17.69 -1.02
CA ILE A 103 15.93 -18.06 -0.78
C ILE A 103 16.10 -19.57 -0.81
N ASP A 104 15.17 -20.29 -0.17
CA ASP A 104 15.24 -21.75 -0.14
C ASP A 104 15.16 -22.27 -1.58
N SER A 105 14.50 -21.51 -2.44
CA SER A 105 14.36 -21.89 -3.85
C SER A 105 15.64 -21.55 -4.63
N GLY A 106 16.53 -20.79 -4.00
CA GLY A 106 17.77 -20.43 -4.66
C GLY A 106 17.98 -18.96 -4.98
N ALA A 107 17.03 -18.09 -4.64
CA ALA A 107 17.19 -16.67 -4.93
C ALA A 107 18.46 -16.16 -4.24
N ASP A 108 19.14 -15.24 -4.90
CA ASP A 108 20.39 -14.69 -4.37
C ASP A 108 20.23 -13.56 -3.39
N CYS A 109 19.13 -12.84 -3.50
CA CYS A 109 18.89 -11.66 -2.67
C CYS A 109 17.39 -11.38 -2.66
N VAL A 110 16.94 -10.56 -1.72
CA VAL A 110 15.53 -10.18 -1.68
C VAL A 110 15.44 -8.67 -1.81
N MSE A 111 14.28 -8.18 -2.25
CA MSE A 111 14.04 -6.74 -2.37
C MSE A 111 12.81 -6.42 -1.55
O MSE A 111 11.72 -6.93 -1.86
CB MSE A 111 13.76 -6.31 -3.80
CG MSE A 111 13.30 -4.85 -3.84
SE MSE A 111 12.54 -4.29 -5.51
CE MSE A 111 10.78 -5.11 -5.34
N ILE A 112 12.97 -5.59 -0.53
CA ILE A 112 11.86 -5.22 0.34
C ILE A 112 11.10 -4.05 -0.25
N HIS A 113 9.84 -4.30 -0.57
CA HIS A 113 8.94 -3.31 -1.14
C HIS A 113 8.65 -2.24 -0.11
N GLN A 114 8.10 -1.13 -0.59
CA GLN A 114 7.71 -0.06 0.31
C GLN A 114 6.60 -0.66 1.16
N PRO A 115 6.68 -0.46 2.48
CA PRO A 115 5.65 -1.01 3.37
C PRO A 115 4.26 -0.53 2.96
N VAL A 116 3.29 -1.44 2.85
CA VAL A 116 1.94 -1.05 2.47
C VAL A 116 1.22 -0.32 3.62
N HIS A 117 1.76 -0.43 4.83
CA HIS A 117 1.12 0.22 5.97
C HIS A 117 0.90 1.72 5.73
N PRO A 118 -0.31 2.23 6.02
CA PRO A 118 -0.60 3.66 5.83
C PRO A 118 0.10 4.55 6.87
N TYR A 119 0.50 3.93 7.99
CA TYR A 119 1.18 4.65 9.06
C TYR A 119 2.58 4.09 9.29
N ILE A 120 3.58 4.95 9.16
CA ILE A 120 4.98 4.56 9.33
C ILE A 120 5.79 5.76 9.82
N THR A 121 6.80 5.50 10.64
CA THR A 121 7.68 6.55 11.17
C THR A 121 9.11 6.12 10.88
N ASP A 122 10.04 7.07 10.93
CA ASP A 122 11.45 6.75 10.69
C ASP A 122 11.94 5.64 11.62
N ALA A 123 11.73 5.82 12.91
CA ALA A 123 12.17 4.85 13.91
C ALA A 123 11.53 3.47 13.73
N GLY A 124 10.25 3.46 13.38
CA GLY A 124 9.55 2.19 13.18
C GLY A 124 9.98 1.52 11.89
N ALA A 125 10.30 2.34 10.89
CA ALA A 125 10.75 1.83 9.60
C ALA A 125 12.08 1.11 9.82
N VAL A 126 12.97 1.72 10.59
CA VAL A 126 14.26 1.09 10.86
C VAL A 126 14.04 -0.30 11.47
N GLU A 127 13.13 -0.40 12.43
CA GLU A 127 12.84 -1.69 13.08
C GLU A 127 12.25 -2.70 12.09
N TYR A 128 11.35 -2.23 11.24
CA TYR A 128 10.71 -3.06 10.23
C TYR A 128 11.78 -3.68 9.35
N TYR A 129 12.59 -2.82 8.74
CA TYR A 129 13.65 -3.28 7.86
C TYR A 129 14.68 -4.17 8.51
N ARG A 130 15.18 -3.76 9.65
CA ARG A 130 16.20 -4.56 10.33
C ARG A 130 15.75 -5.96 10.75
N ASN A 131 14.52 -6.09 11.27
CA ASN A 131 14.07 -7.40 11.68
C ASN A 131 13.93 -8.34 10.47
N ILE A 132 13.59 -7.81 9.30
CA ILE A 132 13.45 -8.67 8.14
C ILE A 132 14.81 -9.13 7.60
N ILE A 133 15.72 -8.18 7.40
CA ILE A 133 17.05 -8.47 6.89
C ILE A 133 17.75 -9.52 7.77
N GLU A 134 17.78 -9.25 9.07
CA GLU A 134 18.42 -10.12 10.06
C GLU A 134 17.85 -11.53 10.10
N ALA A 135 16.60 -11.67 9.65
CA ALA A 135 15.94 -12.96 9.70
C ALA A 135 16.09 -13.82 8.43
N LEU A 136 16.73 -13.24 7.40
CA LEU A 136 16.94 -13.90 6.13
C LEU A 136 18.41 -14.26 5.94
N ASP A 137 18.61 -15.45 5.39
CA ASP A 137 19.90 -16.02 5.09
C ASP A 137 20.39 -15.67 3.67
N ALA A 138 20.31 -14.37 3.37
CA ALA A 138 20.74 -13.81 2.10
C ALA A 138 20.64 -12.30 2.25
N PRO A 139 21.33 -11.55 1.38
CA PRO A 139 21.29 -10.08 1.44
C PRO A 139 19.96 -9.50 0.99
N SER A 140 19.77 -8.24 1.35
CA SER A 140 18.56 -7.53 1.01
C SER A 140 18.87 -6.20 0.35
N ILE A 141 17.89 -5.76 -0.43
CA ILE A 141 17.92 -4.45 -1.04
C ILE A 141 16.60 -3.81 -0.61
N ILE A 142 16.62 -2.48 -0.40
CA ILE A 142 15.43 -1.73 0.00
C ILE A 142 14.93 -0.79 -1.09
N TYR A 143 13.64 -0.93 -1.42
CA TYR A 143 12.98 -0.06 -2.39
C TYR A 143 12.47 1.10 -1.54
N PHE A 144 13.19 2.21 -1.63
CA PHE A 144 12.91 3.42 -0.86
C PHE A 144 12.21 4.49 -1.72
N LYS A 145 10.91 4.68 -1.50
CA LYS A 145 10.16 5.65 -2.30
C LYS A 145 9.26 6.62 -1.55
N ASP A 146 9.26 6.56 -0.22
CA ASP A 146 8.42 7.43 0.60
C ASP A 146 9.18 8.70 0.97
N ALA A 147 8.89 9.81 0.29
CA ALA A 147 9.58 11.06 0.57
C ALA A 147 9.36 11.55 2.01
N HIS A 148 8.31 11.05 2.66
CA HIS A 148 8.00 11.46 4.03
C HIS A 148 8.92 10.83 5.07
N LEU A 149 9.70 9.83 4.65
CA LEU A 149 10.64 9.20 5.54
C LEU A 149 12.00 9.84 5.31
N SER A 150 12.79 9.94 6.38
CA SER A 150 14.09 10.55 6.30
C SER A 150 15.14 9.62 5.70
N ASP A 151 16.06 10.21 4.95
CA ASP A 151 17.15 9.42 4.38
C ASP A 151 18.01 8.83 5.50
N ASP A 152 17.83 9.33 6.72
CA ASP A 152 18.61 8.79 7.83
C ASP A 152 18.22 7.33 8.12
N VAL A 153 17.07 6.90 7.62
CA VAL A 153 16.64 5.51 7.80
C VAL A 153 17.67 4.65 7.07
N ILE A 154 18.02 5.10 5.86
CA ILE A 154 18.98 4.42 5.02
C ILE A 154 20.37 4.47 5.71
N LYS A 155 20.76 5.66 6.16
CA LYS A 155 22.05 5.86 6.82
C LYS A 155 22.21 4.94 8.02
N GLU A 156 21.15 4.83 8.81
CA GLU A 156 21.12 3.98 9.99
C GLU A 156 21.33 2.50 9.66
N LEU A 157 20.73 2.05 8.57
CA LEU A 157 20.81 0.65 8.16
C LEU A 157 22.00 0.24 7.30
N ALA A 158 22.57 1.20 6.57
CA ALA A 158 23.69 0.94 5.67
C ALA A 158 24.79 0.02 6.21
N PRO A 159 25.19 0.19 7.48
CA PRO A 159 26.25 -0.64 8.08
C PRO A 159 25.99 -2.14 8.11
N LEU A 160 24.72 -2.54 8.02
CA LEU A 160 24.37 -3.96 8.03
C LEU A 160 24.96 -4.67 6.83
N ASP A 161 25.77 -5.70 7.09
CA ASP A 161 26.37 -6.46 6.00
C ASP A 161 25.36 -6.94 4.97
N LYS A 162 24.22 -7.43 5.45
CA LYS A 162 23.19 -7.94 4.54
C LYS A 162 22.51 -6.90 3.66
N LEU A 163 22.51 -5.63 4.09
CA LEU A 163 21.91 -4.59 3.27
C LEU A 163 22.95 -4.22 2.23
N VAL A 164 22.80 -4.74 1.01
CA VAL A 164 23.77 -4.52 -0.07
C VAL A 164 23.34 -3.54 -1.16
N GLY A 165 22.14 -2.97 -1.02
CA GLY A 165 21.69 -2.02 -2.01
C GLY A 165 20.42 -1.27 -1.65
N ILE A 166 20.25 -0.11 -2.29
CA ILE A 166 19.05 0.70 -2.10
C ILE A 166 18.55 1.09 -3.48
N LYS A 167 17.31 0.71 -3.80
CA LYS A 167 16.71 1.13 -5.05
C LYS A 167 16.02 2.42 -4.64
N TYR A 168 16.74 3.53 -4.79
CA TYR A 168 16.24 4.84 -4.40
C TYR A 168 15.21 5.32 -5.41
N ALA A 169 13.97 5.48 -4.97
CA ALA A 169 12.91 5.90 -5.87
C ALA A 169 12.23 7.21 -5.56
N ILE A 170 12.94 8.13 -4.90
CA ILE A 170 12.39 9.45 -4.61
C ILE A 170 13.07 10.37 -5.63
N ASN A 171 12.30 10.94 -6.56
CA ASN A 171 12.90 11.79 -7.59
C ASN A 171 13.27 13.19 -7.11
N ASP A 172 14.08 13.24 -6.07
CA ASP A 172 14.56 14.48 -5.49
C ASP A 172 16.07 14.39 -5.65
N ILE A 173 16.59 15.04 -6.68
CA ILE A 173 18.02 14.98 -6.97
C ILE A 173 18.90 15.53 -5.87
N GLN A 174 18.37 16.46 -5.07
CA GLN A 174 19.17 17.00 -3.96
C GLN A 174 19.35 15.88 -2.92
N ARG A 175 18.25 15.22 -2.57
CA ARG A 175 18.27 14.15 -1.59
C ARG A 175 19.10 12.95 -2.03
N VAL A 176 19.00 12.56 -3.30
CA VAL A 176 19.75 11.41 -3.76
C VAL A 176 21.24 11.69 -3.68
N THR A 177 21.63 12.92 -4.00
CA THR A 177 23.05 13.28 -3.94
C THR A 177 23.52 13.28 -2.49
N GLN A 178 22.73 13.84 -1.59
CA GLN A 178 23.09 13.88 -0.18
C GLN A 178 23.27 12.50 0.45
N VAL A 179 22.25 11.65 0.36
CA VAL A 179 22.35 10.32 0.96
C VAL A 179 23.54 9.52 0.43
N MSE A 180 23.81 9.60 -0.88
CA MSE A 180 24.92 8.86 -1.45
C MSE A 180 26.30 9.35 -1.00
O MSE A 180 27.26 8.58 -0.97
CB MSE A 180 24.84 8.87 -2.97
CG MSE A 180 23.63 8.12 -3.50
SE MSE A 180 23.72 7.75 -5.37
CE MSE A 180 23.51 9.57 -6.00
N ARG A 181 26.41 10.63 -0.67
CA ARG A 181 27.67 11.16 -0.21
C ARG A 181 27.83 10.84 1.27
N ALA A 182 26.70 10.62 1.94
CA ALA A 182 26.70 10.33 3.37
C ALA A 182 27.10 8.90 3.71
N VAL A 183 26.75 7.95 2.86
CA VAL A 183 27.07 6.55 3.09
C VAL A 183 28.48 6.21 2.62
N PRO A 184 29.35 5.77 3.54
CA PRO A 184 30.74 5.40 3.22
C PRO A 184 30.81 4.16 2.33
N LYS A 185 31.83 4.09 1.48
CA LYS A 185 31.97 2.96 0.59
C LYS A 185 32.12 1.66 1.38
N SER A 186 32.72 1.75 2.56
CA SER A 186 32.95 0.57 3.39
C SER A 186 31.65 -0.15 3.76
N SER A 187 30.52 0.56 3.67
CA SER A 187 29.24 -0.05 4.01
C SER A 187 28.73 -0.95 2.90
N ASN A 188 29.40 -0.91 1.75
CA ASN A 188 29.03 -1.75 0.61
C ASN A 188 27.55 -1.75 0.26
N VAL A 189 27.03 -0.56 -0.05
CA VAL A 189 25.64 -0.41 -0.42
C VAL A 189 25.58 0.20 -1.81
N ALA A 190 25.05 -0.55 -2.77
CA ALA A 190 24.94 -0.06 -4.14
C ALA A 190 23.67 0.77 -4.28
N PHE A 191 23.80 2.00 -4.78
CA PHE A 191 22.66 2.88 -4.99
C PHE A 191 22.18 2.74 -6.43
N ILE A 192 20.96 2.23 -6.56
CA ILE A 192 20.33 1.99 -7.85
C ILE A 192 19.20 2.98 -8.06
N CYS A 193 19.10 3.54 -9.26
CA CYS A 193 18.01 4.44 -9.58
C CYS A 193 16.76 3.56 -9.74
N GLY A 194 15.82 3.69 -8.81
CA GLY A 194 14.61 2.89 -8.87
C GLY A 194 13.48 3.49 -9.67
N THR A 195 13.76 4.56 -10.41
CA THR A 195 12.72 5.19 -11.23
C THR A 195 13.02 5.10 -12.73
N ALA A 196 13.85 4.12 -13.08
CA ALA A 196 14.19 3.81 -14.47
C ALA A 196 14.88 4.82 -15.39
N GLU A 197 14.76 4.56 -16.69
CA GLU A 197 15.41 5.35 -17.74
C GLU A 197 15.23 6.87 -17.73
N LYS A 198 14.04 7.34 -17.44
CA LYS A 198 13.80 8.79 -17.43
C LYS A 198 14.66 9.49 -16.38
N TRP A 199 14.91 8.82 -15.26
CA TRP A 199 15.72 9.43 -14.21
C TRP A 199 17.15 8.95 -14.11
N ALA A 200 17.47 7.84 -14.76
CA ALA A 200 18.81 7.26 -14.70
C ALA A 200 19.97 8.24 -14.93
N PRO A 201 19.92 9.05 -16.00
CA PRO A 201 20.99 10.00 -16.30
C PRO A 201 21.29 10.95 -15.15
N PHE A 202 20.24 11.48 -14.53
CA PHE A 202 20.43 12.42 -13.43
C PHE A 202 20.94 11.72 -12.19
N PHE A 203 20.43 10.54 -11.92
CA PHE A 203 20.86 9.77 -10.74
C PHE A 203 22.32 9.37 -10.89
N TYR A 204 22.70 9.03 -12.11
CA TYR A 204 24.07 8.60 -12.42
C TYR A 204 25.05 9.73 -12.18
N HIS A 205 24.70 10.93 -12.64
CA HIS A 205 25.57 12.07 -12.43
C HIS A 205 25.74 12.29 -10.94
N ALA A 206 24.72 11.92 -10.16
CA ALA A 206 24.75 12.08 -8.71
C ALA A 206 25.57 11.00 -8.00
N GLY A 207 25.76 9.86 -8.67
CA GLY A 207 26.54 8.79 -8.06
C GLY A 207 25.96 7.39 -8.18
N ALA A 208 24.70 7.27 -8.62
CA ALA A 208 24.09 5.96 -8.77
C ALA A 208 24.92 5.09 -9.71
N VAL A 209 24.85 3.77 -9.53
CA VAL A 209 25.63 2.85 -10.35
C VAL A 209 24.79 1.88 -11.19
N GLY A 210 23.48 2.05 -11.15
CA GLY A 210 22.61 1.19 -11.93
C GLY A 210 21.20 1.71 -11.94
N PHE A 211 20.33 1.05 -12.68
CA PHE A 211 18.94 1.50 -12.72
C PHE A 211 18.00 0.35 -13.01
N THR A 212 16.77 0.44 -12.47
CA THR A 212 15.77 -0.58 -12.70
C THR A 212 15.13 -0.28 -14.05
N SER A 213 14.47 -1.27 -14.65
CA SER A 213 13.81 -1.06 -15.93
C SER A 213 12.68 -2.01 -16.19
N GLY A 214 11.64 -1.50 -16.87
CA GLY A 214 10.49 -2.31 -17.25
C GLY A 214 10.50 -2.34 -18.78
N LEU A 215 11.21 -1.37 -19.36
CA LEU A 215 11.33 -1.26 -20.80
C LEU A 215 12.09 -2.46 -21.37
N VAL A 216 12.98 -3.04 -20.57
CA VAL A 216 13.76 -4.18 -21.01
C VAL A 216 12.88 -5.38 -21.42
N ASN A 217 11.61 -5.37 -21.03
CA ASN A 217 10.70 -6.48 -21.38
C ASN A 217 10.19 -6.32 -22.82
N VAL A 218 10.48 -5.17 -23.42
CA VAL A 218 10.01 -4.89 -24.77
C VAL A 218 11.12 -4.47 -25.73
N PHE A 219 11.92 -3.50 -25.31
CA PHE A 219 13.03 -2.99 -26.14
C PHE A 219 14.30 -2.94 -25.31
N PRO A 220 14.80 -4.10 -24.86
CA PRO A 220 16.03 -4.13 -24.05
C PRO A 220 17.24 -3.44 -24.68
N GLN A 221 17.32 -3.46 -26.01
CA GLN A 221 18.45 -2.84 -26.70
C GLN A 221 18.54 -1.33 -26.44
N LYS A 222 17.39 -0.68 -26.26
CA LYS A 222 17.38 0.76 -25.97
C LYS A 222 17.88 0.99 -24.54
N SER A 223 17.37 0.18 -23.62
CA SER A 223 17.77 0.28 -22.22
C SER A 223 19.26 0.05 -22.07
N PHE A 224 19.79 -0.93 -22.81
CA PHE A 224 21.21 -1.23 -22.74
C PHE A 224 22.05 -0.19 -23.47
N ALA A 225 21.44 0.48 -24.44
CA ALA A 225 22.16 1.54 -25.17
C ALA A 225 22.38 2.68 -24.16
N LEU A 226 21.38 2.92 -23.33
CA LEU A 226 21.47 3.96 -22.31
C LEU A 226 22.51 3.57 -21.26
N LEU A 227 22.50 2.32 -20.83
CA LEU A 227 23.48 1.90 -19.83
C LEU A 227 24.90 2.06 -20.35
N GLU A 228 25.15 1.61 -21.58
CA GLU A 228 26.49 1.73 -22.15
C GLU A 228 26.92 3.19 -22.25
N ALA A 229 26.02 4.04 -22.74
CA ALA A 229 26.30 5.46 -22.87
C ALA A 229 26.70 6.05 -21.51
N LEU A 230 25.92 5.73 -20.48
CA LEU A 230 26.19 6.23 -19.13
C LEU A 230 27.56 5.79 -18.62
N GLU A 231 27.89 4.52 -18.83
CA GLU A 231 29.17 3.99 -18.38
C GLU A 231 30.34 4.58 -19.15
N GLU A 232 30.13 4.92 -20.42
CA GLU A 232 31.20 5.50 -21.21
C GLU A 232 31.32 7.00 -20.99
N GLY A 233 30.26 7.61 -20.44
CA GLY A 233 30.29 9.03 -20.20
C GLY A 233 30.07 9.84 -21.46
N ASN A 234 29.45 9.22 -22.45
CA ASN A 234 29.15 9.89 -23.72
C ASN A 234 27.88 10.71 -23.49
N GLN A 235 28.02 11.95 -23.04
CA GLN A 235 26.84 12.77 -22.77
C GLN A 235 25.87 12.89 -23.93
N GLU A 236 26.39 13.08 -25.14
CA GLU A 236 25.54 13.23 -26.30
C GLU A 236 24.64 12.02 -26.53
N LYS A 237 25.22 10.83 -26.45
CA LYS A 237 24.46 9.61 -26.64
C LYS A 237 23.47 9.40 -25.48
N ILE A 238 23.92 9.75 -24.27
CA ILE A 238 23.07 9.60 -23.09
C ILE A 238 21.75 10.34 -23.29
N TRP A 239 21.86 11.62 -23.65
CA TRP A 239 20.69 12.46 -23.89
C TRP A 239 19.86 11.98 -25.08
N ASP A 240 20.51 11.48 -26.12
CA ASP A 240 19.76 11.00 -27.30
C ASP A 240 18.92 9.76 -26.95
N VAL A 241 19.51 8.79 -26.26
CA VAL A 241 18.76 7.58 -25.91
C VAL A 241 17.66 7.95 -24.93
N TRP A 242 17.98 8.86 -24.01
CA TRP A 242 17.07 9.36 -23.00
C TRP A 242 15.82 9.96 -23.63
N GLU A 243 16.00 10.87 -24.59
CA GLU A 243 14.88 11.50 -25.27
C GLU A 243 14.03 10.47 -26.01
N ASP A 244 14.70 9.41 -26.46
CA ASP A 244 14.03 8.34 -27.22
C ASP A 244 13.13 7.44 -26.39
N VAL A 245 13.49 7.21 -25.13
CA VAL A 245 12.68 6.34 -24.28
C VAL A 245 11.74 7.06 -23.30
N VAL A 246 12.00 8.33 -23.04
CA VAL A 246 11.15 9.09 -22.13
C VAL A 246 9.67 9.01 -22.48
N PRO A 247 9.31 9.09 -23.78
CA PRO A 247 7.90 9.00 -24.19
C PRO A 247 7.21 7.73 -23.67
N PHE A 248 7.96 6.64 -23.61
CA PHE A 248 7.45 5.36 -23.13
C PHE A 248 7.20 5.42 -21.63
N GLU A 249 8.19 5.94 -20.91
CA GLU A 249 8.08 6.08 -19.46
C GLU A 249 6.99 7.06 -19.10
N ASP A 250 6.81 8.11 -19.91
CA ASP A 250 5.76 9.06 -19.61
C ASP A 250 4.38 8.41 -19.76
N LEU A 251 4.22 7.56 -20.78
CA LEU A 251 2.94 6.88 -20.95
C LEU A 251 2.66 6.00 -19.74
N ARG A 252 3.69 5.33 -19.25
CA ARG A 252 3.54 4.44 -18.09
C ARG A 252 3.13 5.21 -16.84
N ALA A 253 3.61 6.45 -16.74
CA ALA A 253 3.32 7.26 -15.57
C ALA A 253 1.96 7.93 -15.55
N LYS A 254 1.24 7.92 -16.68
CA LYS A 254 -0.08 8.55 -16.72
C LYS A 254 -1.07 7.96 -15.73
N HIS A 255 -2.01 8.78 -15.28
CA HIS A 255 -3.03 8.35 -14.33
C HIS A 255 -2.37 7.90 -13.02
N ASN A 256 -1.42 8.70 -12.56
CA ASN A 256 -0.71 8.42 -11.33
C ASN A 256 -0.07 7.02 -11.37
N ASN A 257 0.54 6.71 -12.51
CA ASN A 257 1.22 5.44 -12.72
C ASN A 257 0.29 4.25 -12.94
N GLY A 258 -0.99 4.52 -13.14
CA GLY A 258 -1.94 3.44 -13.38
C GLY A 258 -1.57 2.65 -14.61
N ASN A 259 -1.00 3.36 -15.59
CA ASN A 259 -0.58 2.78 -16.87
C ASN A 259 0.72 2.00 -16.83
N ASN A 260 1.42 2.05 -15.70
CA ASN A 260 2.73 1.42 -15.58
C ASN A 260 2.94 0.04 -16.22
N VAL A 261 2.13 -0.94 -15.82
CA VAL A 261 2.27 -2.29 -16.36
C VAL A 261 1.46 -2.55 -17.64
N VAL A 262 0.24 -2.03 -17.71
CA VAL A 262 -0.59 -2.24 -18.88
C VAL A 262 0.07 -1.72 -20.15
N ILE A 263 0.86 -0.66 -20.02
CA ILE A 263 1.56 -0.10 -21.17
C ILE A 263 2.57 -1.13 -21.69
N ILE A 264 3.28 -1.78 -20.77
CA ILE A 264 4.28 -2.78 -21.13
C ILE A 264 3.65 -4.01 -21.79
N LYS A 265 2.56 -4.51 -21.21
CA LYS A 265 1.90 -5.69 -21.76
C LYS A 265 1.24 -5.44 -23.12
N GLU A 266 0.61 -4.29 -23.28
CA GLU A 266 -0.01 -4.01 -24.57
C GLU A 266 1.08 -3.80 -25.62
N ALA A 267 2.21 -3.23 -25.20
CA ALA A 267 3.32 -3.00 -26.11
C ALA A 267 3.90 -4.34 -26.56
N MSE A 268 4.08 -5.24 -25.61
CA MSE A 268 4.62 -6.57 -25.92
C MSE A 268 3.69 -7.29 -26.91
O MSE A 268 4.16 -7.83 -27.91
CB MSE A 268 4.77 -7.40 -24.63
CG MSE A 268 5.86 -6.91 -23.71
SE MSE A 268 5.99 -7.90 -22.04
CE MSE A 268 6.79 -9.52 -22.72
N GLU A 269 2.40 -7.29 -26.62
CA GLU A 269 1.43 -7.93 -27.50
C GLU A 269 1.52 -7.36 -28.91
N GLN A 270 1.56 -6.03 -29.02
CA GLN A 270 1.66 -5.38 -30.32
C GLN A 270 2.92 -5.83 -31.06
N LEU A 271 3.92 -6.28 -30.31
CA LEU A 271 5.16 -6.76 -30.89
C LEU A 271 5.14 -8.27 -31.04
N GLY A 272 3.99 -8.88 -30.73
CA GLY A 272 3.85 -10.31 -30.87
C GLY A 272 4.44 -11.13 -29.73
N LEU A 273 4.65 -10.49 -28.60
CA LEU A 273 5.19 -11.18 -27.43
C LEU A 273 4.05 -11.56 -26.51
N ARG A 274 4.18 -12.71 -25.85
CA ARG A 274 3.16 -13.21 -24.95
C ARG A 274 3.14 -12.44 -23.63
N ALA A 275 2.08 -11.65 -23.42
CA ALA A 275 1.97 -10.85 -22.20
C ALA A 275 0.58 -10.86 -21.56
N GLY A 276 -0.47 -10.98 -22.37
CA GLY A 276 -1.82 -11.00 -21.84
C GLY A 276 -2.29 -9.64 -21.32
N VAL A 277 -3.23 -9.65 -20.39
CA VAL A 277 -3.78 -8.44 -19.81
C VAL A 277 -3.43 -8.35 -18.32
N THR A 278 -3.52 -7.15 -17.76
CA THR A 278 -3.22 -6.94 -16.35
C THR A 278 -4.38 -7.40 -15.46
N ARG A 279 -4.07 -7.76 -14.21
CA ARG A 279 -5.11 -8.17 -13.27
C ARG A 279 -5.71 -6.92 -12.64
N GLU A 280 -6.84 -7.08 -11.95
CA GLU A 280 -7.47 -5.96 -11.26
C GLU A 280 -6.40 -5.50 -10.26
N PRO A 281 -6.37 -4.20 -9.92
CA PRO A 281 -7.23 -3.11 -10.35
C PRO A 281 -6.78 -2.30 -11.59
N VAL A 282 -6.24 -2.97 -12.61
CA VAL A 282 -5.84 -2.26 -13.82
C VAL A 282 -6.50 -2.94 -15.02
N ASN A 283 -7.22 -2.18 -15.82
CA ASN A 283 -7.89 -2.73 -17.00
C ASN A 283 -7.08 -2.36 -18.23
N PRO A 284 -7.58 -2.69 -19.43
CA PRO A 284 -6.83 -2.35 -20.64
C PRO A 284 -6.67 -0.84 -20.80
N LEU A 285 -5.75 -0.40 -21.65
CA LEU A 285 -5.51 1.02 -21.87
C LEU A 285 -6.77 1.73 -22.36
N SER A 286 -6.85 3.04 -22.10
CA SER A 286 -7.98 3.82 -22.57
C SER A 286 -7.75 3.91 -24.08
N PRO A 287 -8.82 4.11 -24.87
CA PRO A 287 -8.62 4.19 -26.32
C PRO A 287 -7.51 5.16 -26.74
N ASN A 288 -7.55 6.37 -26.19
CA ASN A 288 -6.56 7.39 -26.50
C ASN A 288 -5.14 7.00 -26.12
N ASP A 289 -4.95 6.38 -24.96
CA ASP A 289 -3.60 5.96 -24.56
C ASP A 289 -3.14 4.81 -25.45
N ARG A 290 -4.09 4.00 -25.89
CA ARG A 290 -3.75 2.87 -26.75
C ARG A 290 -3.21 3.44 -28.08
N LEU A 291 -3.88 4.45 -28.61
CA LEU A 291 -3.45 5.09 -29.85
C LEU A 291 -2.07 5.72 -29.68
N GLU A 292 -1.87 6.40 -28.55
CA GLU A 292 -0.58 7.04 -28.30
C GLU A 292 0.55 6.02 -28.28
N LEU A 293 0.28 4.86 -27.70
CA LEU A 293 1.29 3.82 -27.63
C LEU A 293 1.59 3.27 -29.02
N GLU A 294 0.54 3.02 -29.80
CA GLU A 294 0.70 2.50 -31.15
C GLU A 294 1.55 3.45 -31.99
N GLU A 295 1.32 4.75 -31.85
CA GLU A 295 2.07 5.75 -32.59
C GLU A 295 3.54 5.78 -32.17
N LEU A 296 3.79 5.61 -30.87
CA LEU A 296 5.16 5.60 -30.37
C LEU A 296 5.91 4.42 -30.98
N LEU A 297 5.27 3.26 -31.03
CA LEU A 297 5.91 2.09 -31.60
C LEU A 297 6.16 2.30 -33.09
N LYS A 298 5.23 3.00 -33.76
CA LYS A 298 5.38 3.27 -35.18
C LYS A 298 6.63 4.12 -35.39
N SER A 299 6.76 5.18 -34.58
CA SER A 299 7.90 6.08 -34.64
C SER A 299 9.18 5.29 -34.44
N TRP A 300 9.23 4.48 -33.39
CA TRP A 300 10.41 3.68 -33.11
C TRP A 300 10.79 2.76 -34.25
N ASN A 301 9.78 2.33 -35.01
CA ASN A 301 10.02 1.45 -36.16
C ASN A 301 10.68 2.23 -37.26
N THR A 302 10.15 3.43 -37.50
CA THR A 302 10.64 4.35 -38.55
C THR A 302 12.09 4.74 -38.33
N GLN A 303 12.43 4.91 -37.05
CA GLN A 303 13.78 5.29 -36.65
C GLN A 303 14.75 4.20 -37.07
N GLU A 304 14.38 2.95 -36.76
CA GLU A 304 15.19 1.79 -37.11
C GLU A 304 15.30 1.69 -38.62
N ASP B 4 -34.23 -5.49 2.99
CA ASP B 4 -33.02 -5.89 3.79
C ASP B 4 -31.85 -4.92 3.55
N TYR B 5 -31.36 -4.81 2.32
CA TYR B 5 -30.25 -3.91 2.01
C TYR B 5 -30.45 -2.44 2.31
N GLY B 6 -31.51 -1.86 1.73
CA GLY B 6 -31.81 -0.46 1.95
C GLY B 6 -31.89 -0.16 3.43
N GLU B 7 -32.43 -1.12 4.19
CA GLU B 7 -32.53 -1.01 5.64
C GLU B 7 -31.17 -1.24 6.30
N PHE B 8 -30.36 -2.06 5.67
CA PHE B 8 -29.05 -2.34 6.23
C PHE B 8 -28.19 -1.08 6.24
N SER B 9 -28.22 -0.35 5.12
CA SER B 9 -27.43 0.87 4.99
C SER B 9 -27.74 1.89 6.09
N LYS B 10 -28.93 1.79 6.67
CA LYS B 10 -29.34 2.70 7.74
C LYS B 10 -28.47 2.59 8.98
N ARG B 11 -27.92 1.40 9.22
CA ARG B 11 -27.10 1.18 10.40
C ARG B 11 -25.87 2.06 10.51
N PHE B 12 -25.49 2.71 9.43
CA PHE B 12 -24.28 3.52 9.46
C PHE B 12 -24.45 4.99 9.76
N SER B 13 -25.67 5.39 10.13
CA SER B 13 -25.96 6.76 10.48
C SER B 13 -25.58 6.94 11.95
N THR B 14 -24.34 6.69 12.25
CA THR B 14 -23.78 6.80 13.58
C THR B 14 -22.26 6.80 13.53
N ILE B 15 -21.61 6.51 14.62
CA ILE B 15 -20.16 6.46 14.64
C ILE B 15 -19.70 5.05 14.32
N SER B 16 -18.75 4.92 13.40
CA SER B 16 -18.19 3.63 13.03
C SER B 16 -16.87 3.58 13.79
N GLY B 17 -16.85 2.84 14.89
CA GLY B 17 -15.66 2.74 15.69
C GLY B 17 -14.70 1.70 15.17
N ILE B 18 -13.45 2.10 15.01
CA ILE B 18 -12.42 1.21 14.52
C ILE B 18 -11.55 0.87 15.73
N ASN B 19 -11.69 -0.36 16.21
CA ASN B 19 -10.95 -0.79 17.39
C ASN B 19 -9.46 -0.94 17.12
N ILE B 20 -8.68 -1.02 18.20
CA ILE B 20 -7.24 -1.21 18.07
C ILE B 20 -6.99 -2.69 18.31
N VAL B 21 -5.75 -3.10 18.14
CA VAL B 21 -5.36 -4.47 18.41
C VAL B 21 -4.14 -4.34 19.31
N PRO B 22 -4.35 -4.53 20.62
CA PRO B 22 -3.26 -4.43 21.59
C PRO B 22 -2.21 -5.50 21.30
N PHE B 23 -0.95 -5.12 21.40
CA PHE B 23 0.18 -6.01 21.19
C PHE B 23 1.02 -5.94 22.45
N LEU B 24 1.52 -7.08 22.90
CA LEU B 24 2.33 -7.12 24.10
C LEU B 24 3.70 -6.47 23.87
N GLU B 25 4.17 -5.73 24.87
CA GLU B 25 5.48 -5.10 24.77
C GLU B 25 6.49 -6.25 24.75
N GLY B 26 7.49 -6.15 23.88
CA GLY B 26 8.49 -7.20 23.78
C GLY B 26 8.32 -8.07 22.54
N THR B 27 7.49 -9.11 22.66
CA THR B 27 7.25 -10.04 21.58
C THR B 27 6.37 -9.40 20.52
N ARG B 28 5.50 -8.49 20.94
CA ARG B 28 4.59 -7.83 20.03
C ARG B 28 3.50 -8.78 19.52
N GLU B 29 3.26 -9.85 20.28
CA GLU B 29 2.21 -10.80 19.91
C GLU B 29 0.88 -10.15 20.29
N ILE B 30 -0.21 -10.59 19.68
CA ILE B 30 -1.52 -10.03 19.98
C ILE B 30 -1.88 -10.27 21.44
N ASP B 31 -2.40 -9.24 22.09
CA ASP B 31 -2.81 -9.33 23.48
C ASP B 31 -4.31 -9.53 23.42
N TRP B 32 -4.73 -10.78 23.32
CA TRP B 32 -6.14 -11.10 23.21
C TRP B 32 -7.00 -10.56 24.34
N LYS B 33 -6.51 -10.62 25.57
CA LYS B 33 -7.31 -10.09 26.66
C LYS B 33 -7.48 -8.59 26.49
N GLY B 34 -6.41 -7.90 26.11
CA GLY B 34 -6.50 -6.47 25.90
C GLY B 34 -7.47 -6.16 24.78
N LEU B 35 -7.47 -7.01 23.75
CA LEU B 35 -8.37 -6.82 22.63
C LEU B 35 -9.82 -6.91 23.13
N ASP B 36 -10.14 -8.00 23.84
CA ASP B 36 -11.49 -8.19 24.37
C ASP B 36 -11.93 -6.97 25.18
N ASP B 37 -11.03 -6.45 26.00
CA ASP B 37 -11.33 -5.29 26.83
C ASP B 37 -11.62 -4.05 26.02
N ASN B 38 -10.94 -3.87 24.89
CA ASN B 38 -11.16 -2.70 24.05
C ASN B 38 -12.56 -2.81 23.42
N VAL B 39 -12.88 -3.99 22.91
CA VAL B 39 -14.18 -4.23 22.31
C VAL B 39 -15.30 -3.95 23.33
N GLU B 40 -15.16 -4.50 24.54
CA GLU B 40 -16.16 -4.28 25.59
C GLU B 40 -16.27 -2.79 25.92
N PHE B 41 -15.13 -2.12 25.96
CA PHE B 41 -15.06 -0.70 26.25
C PHE B 41 -15.88 0.07 25.24
N LEU B 42 -15.72 -0.28 23.96
CA LEU B 42 -16.45 0.38 22.88
C LEU B 42 -17.96 0.13 23.01
N LEU B 43 -18.35 -1.14 23.13
CA LEU B 43 -19.76 -1.49 23.25
C LEU B 43 -20.41 -0.83 24.47
N GLN B 44 -19.68 -0.84 25.59
CA GLN B 44 -20.19 -0.25 26.82
C GLN B 44 -20.41 1.25 26.68
N ASN B 45 -19.61 1.89 25.82
CA ASN B 45 -19.75 3.33 25.63
C ASN B 45 -20.68 3.74 24.49
N GLY B 46 -21.53 2.83 24.06
CA GLY B 46 -22.50 3.19 23.02
C GLY B 46 -22.20 2.86 21.56
N ILE B 47 -20.98 2.40 21.26
CA ILE B 47 -20.64 2.07 19.86
C ILE B 47 -21.57 1.03 19.26
N GLU B 48 -22.26 1.42 18.17
CA GLU B 48 -23.21 0.56 17.47
C GLU B 48 -22.62 -0.17 16.27
N VAL B 49 -21.49 0.34 15.77
CA VAL B 49 -20.80 -0.23 14.61
C VAL B 49 -19.31 -0.35 14.96
N ILE B 50 -18.79 -1.56 14.91
CA ILE B 50 -17.39 -1.83 15.23
C ILE B 50 -16.68 -2.37 13.99
N VAL B 51 -15.51 -1.81 13.70
CA VAL B 51 -14.77 -2.20 12.51
C VAL B 51 -13.44 -2.93 12.77
N PRO B 52 -13.51 -4.25 12.96
CA PRO B 52 -12.27 -4.99 13.19
C PRO B 52 -11.46 -5.03 11.89
N ASN B 53 -10.14 -5.06 12.02
CA ASN B 53 -9.23 -5.08 10.88
C ASN B 53 -9.25 -3.79 10.05
N GLY B 54 -9.45 -2.67 10.74
CA GLY B 54 -9.41 -1.38 10.09
C GLY B 54 -7.96 -0.95 10.27
N ASN B 55 -7.56 0.21 9.76
CA ASN B 55 -6.16 0.61 9.93
C ASN B 55 -5.84 0.95 11.39
N THR B 56 -6.85 1.30 12.17
CA THR B 56 -6.62 1.62 13.58
C THR B 56 -6.23 0.35 14.32
N GLY B 57 -6.58 -0.80 13.74
CA GLY B 57 -6.23 -2.07 14.35
C GLY B 57 -4.95 -2.63 13.73
N GLU B 58 -4.25 -1.76 13.01
CA GLU B 58 -3.00 -2.13 12.35
C GLU B 58 -3.13 -3.40 11.51
N PHE B 59 -4.20 -3.45 10.72
CA PHE B 59 -4.50 -4.57 9.84
C PHE B 59 -3.30 -5.05 9.05
N TYR B 60 -2.61 -4.12 8.41
CA TYR B 60 -1.46 -4.48 7.60
C TYR B 60 -0.24 -5.01 8.36
N ALA B 61 -0.24 -4.89 9.70
CA ALA B 61 0.87 -5.40 10.50
C ALA B 61 0.58 -6.82 10.95
N LEU B 62 -0.59 -7.34 10.55
CA LEU B 62 -0.99 -8.68 10.90
C LEU B 62 -0.82 -9.65 9.74
N THR B 63 -0.51 -10.91 10.06
CA THR B 63 -0.38 -11.93 9.02
C THR B 63 -1.83 -12.24 8.65
N ILE B 64 -2.04 -12.91 7.52
CA ILE B 64 -3.41 -13.25 7.12
C ILE B 64 -4.06 -14.10 8.22
N GLU B 65 -3.31 -15.06 8.76
CA GLU B 65 -3.85 -15.90 9.82
C GLU B 65 -4.29 -15.05 11.01
N GLU B 66 -3.47 -14.08 11.41
CA GLU B 66 -3.82 -13.21 12.54
C GLU B 66 -5.03 -12.35 12.22
N ALA B 67 -5.11 -11.83 11.00
CA ALA B 67 -6.23 -11.00 10.60
C ALA B 67 -7.53 -11.79 10.78
N LYS B 68 -7.55 -13.00 10.26
CA LYS B 68 -8.73 -13.86 10.36
C LYS B 68 -9.12 -14.06 11.83
N GLN B 69 -8.13 -14.32 12.67
CA GLN B 69 -8.38 -14.54 14.09
C GLN B 69 -8.91 -13.29 14.78
N VAL B 70 -8.45 -12.12 14.37
CA VAL B 70 -8.95 -10.89 14.97
C VAL B 70 -10.41 -10.64 14.60
N ALA B 71 -10.76 -10.82 13.33
CA ALA B 71 -12.14 -10.64 12.90
C ALA B 71 -13.07 -11.63 13.63
N THR B 72 -12.65 -12.90 13.69
CA THR B 72 -13.45 -13.92 14.36
C THR B 72 -13.62 -13.58 15.84
N ARG B 73 -12.52 -13.24 16.50
CA ARG B 73 -12.56 -12.90 17.92
C ARG B 73 -13.46 -11.72 18.24
N VAL B 74 -13.30 -10.63 17.50
CA VAL B 74 -14.13 -9.44 17.70
C VAL B 74 -15.60 -9.76 17.41
N THR B 75 -15.87 -10.51 16.35
CA THR B 75 -17.23 -10.86 15.99
C THR B 75 -17.92 -11.72 17.04
N GLU B 76 -17.21 -12.72 17.56
CA GLU B 76 -17.80 -13.61 18.55
C GLU B 76 -18.00 -12.91 19.90
N LEU B 77 -17.13 -11.95 20.21
CA LEU B 77 -17.23 -11.22 21.47
C LEU B 77 -18.42 -10.26 21.41
N VAL B 78 -18.61 -9.61 20.26
CA VAL B 78 -19.71 -8.68 20.07
C VAL B 78 -21.03 -9.42 20.23
N ASN B 79 -21.03 -10.67 19.81
CA ASN B 79 -22.20 -11.54 19.91
C ASN B 79 -23.49 -10.81 19.51
N GLY B 80 -23.42 -10.06 18.42
CA GLY B 80 -24.58 -9.35 17.92
C GLY B 80 -25.02 -8.07 18.64
N ARG B 81 -24.23 -7.60 19.60
CA ARG B 81 -24.58 -6.38 20.33
C ARG B 81 -24.24 -5.12 19.55
N ALA B 82 -23.82 -5.29 18.31
CA ALA B 82 -23.47 -4.16 17.43
C ALA B 82 -23.21 -4.71 16.03
N THR B 83 -23.22 -3.84 15.03
CA THR B 83 -22.96 -4.27 13.67
C THR B 83 -21.45 -4.41 13.53
N VAL B 84 -20.99 -5.55 13.01
CA VAL B 84 -19.56 -5.78 12.83
C VAL B 84 -19.17 -5.70 11.37
N VAL B 85 -18.23 -4.82 11.05
CA VAL B 85 -17.76 -4.66 9.68
C VAL B 85 -16.29 -5.11 9.65
N ALA B 86 -16.02 -6.22 8.96
CA ALA B 86 -14.66 -6.76 8.88
C ALA B 86 -13.85 -6.22 7.72
N GLY B 87 -12.67 -5.70 8.03
CA GLY B 87 -11.81 -5.16 6.99
C GLY B 87 -11.15 -6.26 6.19
N ILE B 88 -11.04 -6.04 4.88
CA ILE B 88 -10.40 -6.99 3.98
C ILE B 88 -9.61 -6.20 2.93
N GLY B 89 -8.66 -6.86 2.27
CA GLY B 89 -7.87 -6.18 1.26
C GLY B 89 -6.94 -7.14 0.53
N TYR B 90 -5.91 -6.58 -0.10
CA TYR B 90 -4.92 -7.35 -0.85
C TYR B 90 -5.46 -7.76 -2.23
N SER B 91 -4.92 -8.83 -2.80
CA SER B 91 -5.38 -9.26 -4.13
C SER B 91 -6.85 -9.66 -4.09
N VAL B 92 -7.46 -9.80 -5.27
CA VAL B 92 -8.86 -10.16 -5.34
C VAL B 92 -9.21 -11.44 -4.60
N ASP B 93 -8.45 -12.50 -4.83
CA ASP B 93 -8.75 -13.77 -4.18
C ASP B 93 -8.43 -13.74 -2.68
N THR B 94 -7.45 -12.94 -2.29
CA THR B 94 -7.11 -12.86 -0.87
C THR B 94 -8.18 -12.09 -0.10
N ALA B 95 -8.71 -11.05 -0.74
CA ALA B 95 -9.76 -10.24 -0.11
C ALA B 95 -10.99 -11.13 0.09
N ILE B 96 -11.30 -11.92 -0.93
CA ILE B 96 -12.44 -12.83 -0.86
C ILE B 96 -12.23 -13.87 0.22
N GLU B 97 -11.00 -14.37 0.33
CA GLU B 97 -10.68 -15.37 1.35
C GLU B 97 -10.93 -14.78 2.74
N LEU B 98 -10.47 -13.55 2.96
CA LEU B 98 -10.64 -12.86 4.24
C LEU B 98 -12.12 -12.59 4.52
N GLY B 99 -12.83 -12.13 3.50
CA GLY B 99 -14.24 -11.82 3.66
C GLY B 99 -15.07 -13.03 4.03
N LYS B 100 -14.85 -14.14 3.33
CA LYS B 100 -15.57 -15.37 3.60
C LYS B 100 -15.29 -15.86 5.02
N SER B 101 -14.05 -15.70 5.47
CA SER B 101 -13.68 -16.11 6.81
C SER B 101 -14.45 -15.30 7.84
N ALA B 102 -14.46 -13.98 7.66
CA ALA B 102 -15.16 -13.09 8.57
C ALA B 102 -16.67 -13.36 8.57
N ILE B 103 -17.26 -13.47 7.38
CA ILE B 103 -18.69 -13.74 7.27
C ILE B 103 -19.04 -15.08 7.92
N ASP B 104 -18.20 -16.09 7.71
CA ASP B 104 -18.45 -17.39 8.31
C ASP B 104 -18.39 -17.30 9.84
N SER B 105 -17.62 -16.36 10.35
CA SER B 105 -17.48 -16.17 11.79
C SER B 105 -18.67 -15.40 12.35
N GLY B 106 -19.50 -14.86 11.45
CA GLY B 106 -20.68 -14.12 11.87
C GLY B 106 -20.66 -12.63 11.59
N ALA B 107 -19.61 -12.14 10.93
CA ALA B 107 -19.53 -10.71 10.64
C ALA B 107 -20.71 -10.31 9.74
N ASP B 108 -21.27 -9.13 10.00
CA ASP B 108 -22.42 -8.63 9.24
C ASP B 108 -22.08 -7.96 7.92
N CYS B 109 -20.88 -7.41 7.83
CA CYS B 109 -20.48 -6.68 6.63
C CYS B 109 -18.96 -6.71 6.50
N VAL B 110 -18.46 -6.29 5.34
CA VAL B 110 -17.01 -6.21 5.11
C VAL B 110 -16.66 -4.83 4.59
N MSE B 111 -15.45 -4.38 4.90
CA MSE B 111 -14.99 -3.09 4.43
C MSE B 111 -13.79 -3.36 3.55
O MSE B 111 -12.82 -3.99 3.99
CB MSE B 111 -14.57 -2.17 5.58
CG MSE B 111 -14.05 -0.83 5.08
SE MSE B 111 -13.20 0.25 6.43
CE MSE B 111 -11.60 -0.79 6.70
N ILE B 112 -13.86 -2.90 2.30
CA ILE B 112 -12.79 -3.09 1.35
C ILE B 112 -11.80 -1.93 1.46
N HIS B 113 -10.62 -2.25 1.97
CA HIS B 113 -9.55 -1.28 2.14
C HIS B 113 -9.09 -0.71 0.81
N GLN B 114 -8.43 0.44 0.87
CA GLN B 114 -7.90 1.01 -0.36
C GLN B 114 -6.95 -0.03 -0.91
N PRO B 115 -7.02 -0.34 -2.20
CA PRO B 115 -6.09 -1.35 -2.72
C PRO B 115 -4.64 -0.92 -2.44
N VAL B 116 -3.79 -1.87 -2.05
CA VAL B 116 -2.38 -1.54 -1.77
C VAL B 116 -1.58 -1.44 -3.06
N HIS B 117 -2.18 -1.90 -4.14
CA HIS B 117 -1.53 -1.90 -5.45
C HIS B 117 -1.05 -0.50 -5.83
N PRO B 118 0.23 -0.36 -6.22
CA PRO B 118 0.74 0.95 -6.60
C PRO B 118 0.16 1.47 -7.92
N TYR B 119 -0.35 0.57 -8.75
CA TYR B 119 -0.94 0.95 -10.04
C TYR B 119 -2.41 0.60 -10.11
N ILE B 120 -3.24 1.61 -10.38
CA ILE B 120 -4.68 1.40 -10.44
C ILE B 120 -5.37 2.42 -11.33
N THR B 121 -6.40 1.98 -12.06
CA THR B 121 -7.16 2.89 -12.93
C THR B 121 -8.64 2.80 -12.54
N ASP B 122 -9.41 3.79 -12.98
CA ASP B 122 -10.84 3.82 -12.70
C ASP B 122 -11.49 2.52 -13.15
N ALA B 123 -11.31 2.18 -14.42
CA ALA B 123 -11.91 0.96 -14.94
C ALA B 123 -11.46 -0.28 -14.16
N GLY B 124 -10.15 -0.38 -13.88
CA GLY B 124 -9.64 -1.53 -13.15
C GLY B 124 -10.16 -1.58 -11.72
N ALA B 125 -10.40 -0.40 -11.15
CA ALA B 125 -10.90 -0.26 -9.79
C ALA B 125 -12.31 -0.84 -9.73
N VAL B 126 -13.13 -0.47 -10.71
CA VAL B 126 -14.49 -0.98 -10.75
C VAL B 126 -14.51 -2.49 -10.80
N GLU B 127 -13.65 -3.09 -11.64
CA GLU B 127 -13.57 -4.54 -11.75
C GLU B 127 -13.15 -5.16 -10.43
N TYR B 128 -12.11 -4.60 -9.83
CA TYR B 128 -11.59 -5.08 -8.55
C TYR B 128 -12.71 -5.09 -7.52
N TYR B 129 -13.38 -3.96 -7.34
CA TYR B 129 -14.46 -3.86 -6.36
C TYR B 129 -15.65 -4.76 -6.68
N ARG B 130 -16.09 -4.73 -7.93
CA ARG B 130 -17.22 -5.53 -8.37
C ARG B 130 -16.96 -7.01 -8.10
N ASN B 131 -15.79 -7.48 -8.52
CA ASN B 131 -15.42 -8.89 -8.36
C ASN B 131 -15.40 -9.38 -6.91
N ILE B 132 -15.01 -8.51 -5.99
CA ILE B 132 -14.96 -8.90 -4.58
C ILE B 132 -16.36 -8.86 -4.00
N ILE B 133 -17.08 -7.77 -4.23
CA ILE B 133 -18.43 -7.61 -3.71
C ILE B 133 -19.35 -8.76 -4.14
N GLU B 134 -19.33 -9.08 -5.43
CA GLU B 134 -20.18 -10.13 -5.97
C GLU B 134 -19.85 -11.51 -5.39
N ALA B 135 -18.58 -11.76 -5.10
CA ALA B 135 -18.17 -13.06 -4.56
C ALA B 135 -18.49 -13.25 -3.08
N LEU B 136 -18.83 -12.18 -2.38
CA LEU B 136 -19.14 -12.28 -0.95
C LEU B 136 -20.64 -12.24 -0.67
N ASP B 137 -21.11 -13.17 0.15
CA ASP B 137 -22.51 -13.26 0.50
C ASP B 137 -22.85 -12.43 1.75
N ALA B 138 -22.59 -11.13 1.64
CA ALA B 138 -22.84 -10.18 2.72
C ALA B 138 -22.59 -8.80 2.14
N PRO B 139 -23.16 -7.75 2.75
CA PRO B 139 -22.98 -6.39 2.25
C PRO B 139 -21.52 -5.95 2.28
N SER B 140 -21.20 -4.94 1.49
CA SER B 140 -19.85 -4.39 1.42
C SER B 140 -19.86 -2.88 1.54
N ILE B 141 -18.77 -2.35 2.06
CA ILE B 141 -18.57 -0.93 2.21
C ILE B 141 -17.20 -0.67 1.61
N ILE B 142 -17.05 0.41 0.86
CA ILE B 142 -15.77 0.74 0.26
C ILE B 142 -15.12 1.94 0.94
N TYR B 143 -13.84 1.81 1.30
CA TYR B 143 -13.07 2.88 1.91
C TYR B 143 -12.44 3.57 0.70
N PHE B 144 -12.87 4.79 0.41
CA PHE B 144 -12.41 5.53 -0.77
C PHE B 144 -11.51 6.70 -0.41
N LYS B 145 -10.20 6.58 -0.67
CA LYS B 145 -9.28 7.64 -0.29
C LYS B 145 -8.27 8.09 -1.36
N ASP B 146 -8.33 7.51 -2.55
CA ASP B 146 -7.40 7.85 -3.63
C ASP B 146 -7.96 8.99 -4.49
N ALA B 147 -7.54 10.21 -4.22
CA ALA B 147 -8.02 11.36 -4.97
C ALA B 147 -7.76 11.24 -6.48
N HIS B 148 -6.79 10.40 -6.86
CA HIS B 148 -6.46 10.20 -8.27
C HIS B 148 -7.52 9.40 -9.01
N LEU B 149 -8.40 8.74 -8.26
CA LEU B 149 -9.47 7.98 -8.88
C LEU B 149 -10.70 8.88 -8.98
N SER B 150 -11.46 8.70 -10.05
CA SER B 150 -12.67 9.48 -10.28
C SER B 150 -13.82 8.99 -9.39
N ASP B 151 -14.70 9.89 -8.99
CA ASP B 151 -15.84 9.51 -8.18
C ASP B 151 -16.82 8.70 -9.02
N ASP B 152 -16.57 8.62 -10.33
CA ASP B 152 -17.43 7.86 -11.22
C ASP B 152 -17.38 6.38 -10.84
N VAL B 153 -16.28 6.00 -10.21
CA VAL B 153 -16.08 4.62 -9.76
C VAL B 153 -17.22 4.27 -8.80
N ILE B 154 -17.48 5.19 -7.88
CA ILE B 154 -18.53 5.03 -6.88
C ILE B 154 -19.91 5.03 -7.53
N LYS B 155 -20.12 5.98 -8.44
CA LYS B 155 -21.41 6.09 -9.13
C LYS B 155 -21.79 4.83 -9.89
N GLU B 156 -20.80 4.20 -10.49
CA GLU B 156 -21.04 2.97 -11.25
C GLU B 156 -21.34 1.77 -10.35
N LEU B 157 -20.74 1.76 -9.17
CA LEU B 157 -20.92 0.66 -8.21
C LEU B 157 -22.14 0.85 -7.29
N ALA B 158 -22.44 2.10 -6.95
CA ALA B 158 -23.55 2.41 -6.06
C ALA B 158 -24.82 1.59 -6.24
N PRO B 159 -25.26 1.37 -7.50
CA PRO B 159 -26.46 0.59 -7.78
C PRO B 159 -26.47 -0.85 -7.23
N LEU B 160 -25.29 -1.42 -7.00
CA LEU B 160 -25.21 -2.79 -6.48
C LEU B 160 -25.88 -2.87 -5.12
N ASP B 161 -26.77 -3.85 -4.95
CA ASP B 161 -27.47 -4.01 -3.67
C ASP B 161 -26.50 -4.27 -2.51
N LYS B 162 -25.48 -5.08 -2.75
CA LYS B 162 -24.51 -5.40 -1.71
C LYS B 162 -23.66 -4.21 -1.28
N LEU B 163 -23.54 -3.19 -2.12
CA LEU B 163 -22.77 -2.01 -1.76
C LEU B 163 -23.68 -1.10 -0.94
N VAL B 164 -23.57 -1.18 0.38
CA VAL B 164 -24.41 -0.39 1.28
C VAL B 164 -23.76 0.86 1.87
N GLY B 165 -22.50 1.12 1.52
CA GLY B 165 -21.85 2.29 2.07
C GLY B 165 -20.48 2.60 1.49
N ILE B 166 -20.10 3.86 1.59
CA ILE B 166 -18.81 4.35 1.15
C ILE B 166 -18.23 5.18 2.28
N LYS B 167 -17.05 4.80 2.75
CA LYS B 167 -16.38 5.60 3.78
C LYS B 167 -15.48 6.52 2.99
N TYR B 168 -16.04 7.65 2.57
CA TYR B 168 -15.34 8.60 1.75
C TYR B 168 -14.21 9.26 2.55
N ALA B 169 -12.98 9.09 2.09
CA ALA B 169 -11.84 9.65 2.81
C ALA B 169 -10.98 10.63 2.02
N ILE B 170 -11.58 11.34 1.08
CA ILE B 170 -10.85 12.35 0.32
C ILE B 170 -11.35 13.68 0.86
N ASN B 171 -10.50 14.41 1.56
CA ASN B 171 -10.90 15.68 2.15
C ASN B 171 -11.04 16.84 1.18
N ASP B 172 -11.83 16.61 0.14
CA ASP B 172 -12.12 17.62 -0.89
C ASP B 172 -13.61 17.87 -0.75
N ILE B 173 -13.97 18.91 -0.02
CA ILE B 173 -15.39 19.19 0.21
C ILE B 173 -16.20 19.38 -1.07
N GLN B 174 -15.58 19.83 -2.15
CA GLN B 174 -16.29 20.01 -3.41
C GLN B 174 -16.71 18.64 -3.94
N ARG B 175 -15.74 17.72 -4.01
CA ARG B 175 -16.02 16.37 -4.50
C ARG B 175 -17.02 15.61 -3.63
N VAL B 176 -16.89 15.77 -2.32
CA VAL B 176 -17.79 15.08 -1.40
C VAL B 176 -19.23 15.48 -1.70
N THR B 177 -19.47 16.78 -1.77
CA THR B 177 -20.81 17.28 -2.04
C THR B 177 -21.33 16.81 -3.39
N GLN B 178 -20.45 16.80 -4.38
CA GLN B 178 -20.80 16.39 -5.73
C GLN B 178 -21.22 14.92 -5.83
N VAL B 179 -20.38 14.01 -5.36
CA VAL B 179 -20.71 12.59 -5.43
C VAL B 179 -21.97 12.29 -4.65
N MSE B 180 -22.11 12.93 -3.50
CA MSE B 180 -23.26 12.71 -2.65
C MSE B 180 -24.55 13.10 -3.38
O MSE B 180 -25.57 12.43 -3.24
CB MSE B 180 -23.13 13.54 -1.37
CG MSE B 180 -23.54 12.82 -0.09
SE MSE B 180 -22.12 12.86 1.23
CE MSE B 180 -21.96 14.77 1.44
N ARG B 181 -24.49 14.18 -4.16
CA ARG B 181 -25.67 14.65 -4.90
C ARG B 181 -25.95 13.85 -6.16
N ALA B 182 -24.96 13.13 -6.66
CA ALA B 182 -25.11 12.37 -7.90
C ALA B 182 -25.60 10.94 -7.71
N VAL B 183 -25.51 10.43 -6.48
CA VAL B 183 -25.95 9.07 -6.19
C VAL B 183 -27.39 9.10 -5.72
N PRO B 184 -28.28 8.41 -6.44
CA PRO B 184 -29.70 8.38 -6.06
C PRO B 184 -29.89 7.72 -4.70
N LYS B 185 -30.90 8.16 -3.98
CA LYS B 185 -31.20 7.60 -2.67
C LYS B 185 -31.60 6.13 -2.81
N SER B 186 -32.12 5.79 -3.97
CA SER B 186 -32.56 4.43 -4.26
C SER B 186 -31.40 3.43 -4.28
N SER B 187 -30.17 3.94 -4.33
CA SER B 187 -29.01 3.07 -4.35
C SER B 187 -28.69 2.56 -2.94
N ASN B 188 -29.40 3.09 -1.96
CA ASN B 188 -29.20 2.67 -0.57
C ASN B 188 -27.72 2.60 -0.22
N VAL B 189 -27.03 3.72 -0.35
CA VAL B 189 -25.62 3.81 -0.04
C VAL B 189 -25.42 4.85 1.04
N ALA B 190 -24.87 4.41 2.16
CA ALA B 190 -24.61 5.30 3.28
C ALA B 190 -23.24 5.97 3.06
N PHE B 191 -23.22 7.30 3.07
CA PHE B 191 -21.97 8.04 2.90
C PHE B 191 -21.45 8.41 4.27
N ILE B 192 -20.32 7.83 4.64
CA ILE B 192 -19.70 8.06 5.94
C ILE B 192 -18.39 8.83 5.81
N CYS B 193 -18.18 9.82 6.68
CA CYS B 193 -16.94 10.58 6.65
C CYS B 193 -15.82 9.65 7.15
N GLY B 194 -14.95 9.24 6.24
CA GLY B 194 -13.87 8.34 6.62
C GLY B 194 -12.67 9.01 7.23
N THR B 195 -12.76 10.32 7.47
CA THR B 195 -11.66 11.05 8.05
C THR B 195 -11.92 11.55 9.48
N ALA B 196 -12.84 10.88 10.16
CA ALA B 196 -13.16 11.18 11.56
C ALA B 196 -13.66 12.57 11.95
N GLU B 197 -13.60 12.82 13.27
CA GLU B 197 -14.06 14.06 13.89
C GLU B 197 -13.64 15.41 13.30
N LYS B 198 -12.38 15.54 12.90
CA LYS B 198 -11.92 16.81 12.33
C LYS B 198 -12.71 17.23 11.08
N TRP B 199 -13.18 16.26 10.32
CA TRP B 199 -13.91 16.56 9.09
C TRP B 199 -15.40 16.28 9.12
N ALA B 200 -15.84 15.56 10.15
CA ALA B 200 -17.25 15.22 10.28
C ALA B 200 -18.20 16.41 10.07
N PRO B 201 -18.00 17.52 10.82
CA PRO B 201 -18.88 18.69 10.68
C PRO B 201 -19.07 19.13 9.24
N PHE B 202 -17.99 19.14 8.48
CA PHE B 202 -18.02 19.58 7.09
C PHE B 202 -18.65 18.57 6.14
N PHE B 203 -18.40 17.28 6.39
CA PHE B 203 -18.98 16.24 5.57
C PHE B 203 -20.48 16.17 5.86
N TYR B 204 -20.84 16.37 7.12
CA TYR B 204 -22.25 16.33 7.51
C TYR B 204 -23.03 17.45 6.81
N HIS B 205 -22.46 18.65 6.79
CA HIS B 205 -23.13 19.77 6.14
C HIS B 205 -23.40 19.43 4.68
N ALA B 206 -22.45 18.74 4.06
CA ALA B 206 -22.59 18.35 2.66
C ALA B 206 -23.54 17.18 2.46
N GLY B 207 -23.85 16.44 3.54
CA GLY B 207 -24.77 15.33 3.39
C GLY B 207 -24.42 13.99 4.03
N ALA B 208 -23.20 13.83 4.51
CA ALA B 208 -22.78 12.58 5.15
C ALA B 208 -23.72 12.25 6.31
N VAL B 209 -23.88 10.96 6.58
CA VAL B 209 -24.77 10.52 7.65
C VAL B 209 -24.04 9.88 8.83
N GLY B 210 -22.72 9.84 8.77
CA GLY B 210 -21.95 9.26 9.86
C GLY B 210 -20.46 9.46 9.69
N PHE B 211 -19.66 9.00 10.66
CA PHE B 211 -18.22 9.16 10.57
C PHE B 211 -17.47 8.08 11.33
N THR B 212 -16.27 7.78 10.86
CA THR B 212 -15.44 6.77 11.49
C THR B 212 -14.71 7.44 12.65
N SER B 213 -14.18 6.66 13.57
CA SER B 213 -13.45 7.23 14.70
C SER B 213 -12.48 6.30 15.39
N GLY B 214 -11.36 6.88 15.80
CA GLY B 214 -10.34 6.14 16.54
C GLY B 214 -10.31 6.73 17.94
N LEU B 215 -10.81 7.95 18.06
CA LEU B 215 -10.86 8.65 19.34
C LEU B 215 -11.75 7.91 20.33
N VAL B 216 -12.78 7.24 19.83
CA VAL B 216 -13.71 6.50 20.68
C VAL B 216 -13.02 5.41 21.52
N ASN B 217 -11.79 5.07 21.17
CA ASN B 217 -11.05 4.05 21.90
C ASN B 217 -10.50 4.67 23.19
N VAL B 218 -10.54 6.00 23.28
CA VAL B 218 -10.02 6.66 24.46
C VAL B 218 -11.01 7.64 25.12
N PHE B 219 -11.67 8.48 24.32
CA PHE B 219 -12.64 9.44 24.84
C PHE B 219 -13.93 9.44 24.03
N PRO B 220 -14.62 8.28 23.98
CA PRO B 220 -15.86 8.11 23.23
C PRO B 220 -16.98 9.09 23.58
N GLN B 221 -16.91 9.67 24.77
CA GLN B 221 -17.93 10.63 25.19
C GLN B 221 -17.77 11.93 24.42
N LYS B 222 -16.53 12.29 24.10
CA LYS B 222 -16.26 13.51 23.33
C LYS B 222 -16.74 13.28 21.90
N SER B 223 -16.51 12.07 21.39
CA SER B 223 -16.91 11.71 20.04
C SER B 223 -18.43 11.66 19.91
N PHE B 224 -19.10 11.10 20.91
CA PHE B 224 -20.56 11.04 20.86
C PHE B 224 -21.16 12.41 21.09
N ALA B 225 -20.42 13.29 21.75
CA ALA B 225 -20.90 14.66 22.00
C ALA B 225 -21.01 15.37 20.65
N LEU B 226 -20.11 15.03 19.74
CA LEU B 226 -20.12 15.63 18.40
C LEU B 226 -21.25 15.04 17.57
N LEU B 227 -21.42 13.74 17.66
CA LEU B 227 -22.48 13.08 16.90
C LEU B 227 -23.83 13.66 17.31
N GLU B 228 -24.03 13.84 18.61
CA GLU B 228 -25.29 14.38 19.11
C GLU B 228 -25.48 15.83 18.64
N ALA B 229 -24.43 16.63 18.74
CA ALA B 229 -24.50 18.03 18.30
C ALA B 229 -24.80 18.10 16.82
N LEU B 230 -24.24 17.17 16.06
CA LEU B 230 -24.44 17.13 14.62
C LEU B 230 -25.85 16.71 14.25
N GLU B 231 -26.35 15.66 14.90
CA GLU B 231 -27.69 15.16 14.62
C GLU B 231 -28.77 16.16 14.99
N GLU B 232 -28.52 16.94 16.03
CA GLU B 232 -29.47 17.94 16.46
C GLU B 232 -29.45 19.15 15.52
N GLY B 233 -28.29 19.77 15.42
CA GLY B 233 -28.16 20.93 14.55
C GLY B 233 -27.59 22.12 15.30
N ASN B 234 -27.14 21.87 16.53
CA ASN B 234 -26.56 22.92 17.36
C ASN B 234 -25.19 23.31 16.82
N GLN B 235 -25.16 24.31 15.94
CA GLN B 235 -23.90 24.74 15.35
C GLN B 235 -22.83 25.13 16.36
N GLU B 236 -23.19 25.88 17.39
CA GLU B 236 -22.20 26.29 18.38
C GLU B 236 -21.60 25.09 19.13
N LYS B 237 -22.45 24.11 19.47
CA LYS B 237 -21.98 22.92 20.17
C LYS B 237 -21.07 22.11 19.26
N ILE B 238 -21.47 21.98 18.00
CA ILE B 238 -20.68 21.26 17.01
C ILE B 238 -19.24 21.80 16.98
N TRP B 239 -19.14 23.11 16.79
CA TRP B 239 -17.84 23.77 16.72
C TRP B 239 -17.06 23.68 18.01
N ASP B 240 -17.76 23.78 19.14
CA ASP B 240 -17.07 23.69 20.44
C ASP B 240 -16.40 22.34 20.58
N VAL B 241 -17.17 21.27 20.37
CA VAL B 241 -16.64 19.91 20.46
C VAL B 241 -15.55 19.70 19.41
N TRP B 242 -15.83 20.13 18.19
CA TRP B 242 -14.88 20.01 17.09
C TRP B 242 -13.55 20.63 17.51
N GLU B 243 -13.60 21.87 17.97
CA GLU B 243 -12.42 22.60 18.41
C GLU B 243 -11.70 21.90 19.56
N ASP B 244 -12.45 21.15 20.36
CA ASP B 244 -11.89 20.43 21.51
C ASP B 244 -11.15 19.15 21.15
N VAL B 245 -11.54 18.49 20.07
CA VAL B 245 -10.90 17.23 19.68
C VAL B 245 -9.89 17.34 18.54
N VAL B 246 -9.96 18.40 17.75
CA VAL B 246 -9.04 18.56 16.64
C VAL B 246 -7.59 18.43 17.07
N PRO B 247 -7.24 18.97 18.25
CA PRO B 247 -5.84 18.87 18.69
C PRO B 247 -5.37 17.42 18.72
N PHE B 248 -6.27 16.53 19.13
CA PHE B 248 -5.97 15.10 19.21
C PHE B 248 -5.79 14.52 17.82
N GLU B 249 -6.68 14.90 16.90
CA GLU B 249 -6.60 14.40 15.53
C GLU B 249 -5.38 14.95 14.80
N ASP B 250 -4.99 16.17 15.12
CA ASP B 250 -3.82 16.76 14.48
C ASP B 250 -2.55 16.04 14.95
N LEU B 251 -2.53 15.62 16.21
CA LEU B 251 -1.36 14.90 16.73
C LEU B 251 -1.23 13.57 16.00
N ARG B 252 -2.36 12.92 15.79
CA ARG B 252 -2.39 11.63 15.11
C ARG B 252 -1.92 11.75 13.67
N ALA B 253 -2.17 12.91 13.06
CA ALA B 253 -1.79 13.15 11.66
C ALA B 253 -0.31 13.49 11.46
N LYS B 254 0.41 13.77 12.54
CA LYS B 254 1.82 14.13 12.43
C LYS B 254 2.64 13.05 11.73
N HIS B 255 3.68 13.50 11.04
CA HIS B 255 4.59 12.62 10.30
C HIS B 255 3.82 11.86 9.23
N ASN B 256 3.01 12.56 8.45
CA ASN B 256 2.23 11.92 7.40
C ASN B 256 1.42 10.76 7.97
N ASN B 257 0.76 11.04 9.10
CA ASN B 257 -0.09 10.09 9.79
C ASN B 257 0.64 8.94 10.47
N GLY B 258 1.96 9.03 10.56
CA GLY B 258 2.71 7.97 11.21
C GLY B 258 2.30 7.81 12.68
N ASN B 259 1.86 8.89 13.30
CA ASN B 259 1.46 8.85 14.70
C ASN B 259 0.01 8.44 14.93
N ASN B 260 -0.71 8.12 13.85
CA ASN B 260 -2.12 7.79 13.97
C ASN B 260 -2.58 6.79 15.04
N VAL B 261 -1.96 5.62 15.09
CA VAL B 261 -2.34 4.63 16.09
C VAL B 261 -1.55 4.78 17.41
N VAL B 262 -0.23 5.00 17.30
CA VAL B 262 0.61 5.13 18.49
C VAL B 262 0.13 6.24 19.44
N ILE B 263 -0.51 7.27 18.89
CA ILE B 263 -1.05 8.35 19.71
C ILE B 263 -2.20 7.81 20.55
N ILE B 264 -3.04 6.99 19.92
CA ILE B 264 -4.17 6.39 20.63
C ILE B 264 -3.70 5.40 21.70
N LYS B 265 -2.74 4.54 21.35
CA LYS B 265 -2.26 3.55 22.30
C LYS B 265 -1.56 4.19 23.51
N GLU B 266 -0.72 5.19 23.29
CA GLU B 266 -0.05 5.83 24.41
C GLU B 266 -1.03 6.62 25.27
N ALA B 267 -2.03 7.23 24.63
CA ALA B 267 -3.03 7.99 25.37
C ALA B 267 -3.77 7.00 26.27
N MSE B 268 -4.17 5.88 25.68
CA MSE B 268 -4.88 4.84 26.42
C MSE B 268 -4.07 4.38 27.62
O MSE B 268 -4.58 4.31 28.74
CB MSE B 268 -5.18 3.65 25.52
CG MSE B 268 -6.32 3.89 24.54
SE MSE B 268 -6.64 2.40 23.34
CE MSE B 268 -7.60 1.22 24.55
N GLU B 269 -2.79 4.05 27.39
CA GLU B 269 -1.91 3.59 28.46
C GLU B 269 -1.76 4.62 29.59
N GLN B 270 -1.86 5.91 29.25
CA GLN B 270 -1.74 6.95 30.27
C GLN B 270 -3.01 7.03 31.10
N LEU B 271 -4.13 6.68 30.48
CA LEU B 271 -5.42 6.70 31.17
C LEU B 271 -5.69 5.38 31.85
N GLY B 272 -4.68 4.52 31.91
CA GLY B 272 -4.84 3.23 32.56
C GLY B 272 -5.53 2.17 31.71
N LEU B 273 -5.70 2.43 30.43
CA LEU B 273 -6.34 1.47 29.55
C LEU B 273 -5.27 0.54 28.94
N ARG B 274 -5.64 -0.69 28.65
CA ARG B 274 -4.71 -1.68 28.10
C ARG B 274 -4.56 -1.59 26.58
N ALA B 275 -3.44 -1.05 26.12
CA ALA B 275 -3.22 -0.88 24.69
C ALA B 275 -1.90 -1.43 24.16
N GLY B 276 -0.90 -1.52 25.04
CA GLY B 276 0.38 -2.03 24.60
C GLY B 276 1.05 -1.07 23.63
N VAL B 277 1.84 -1.61 22.71
CA VAL B 277 2.53 -0.78 21.74
C VAL B 277 2.14 -1.11 20.31
N THR B 278 2.62 -0.31 19.36
CA THR B 278 2.35 -0.55 17.95
C THR B 278 3.41 -1.48 17.38
N ARG B 279 3.06 -2.16 16.30
CA ARG B 279 4.00 -3.06 15.62
C ARG B 279 4.78 -2.26 14.59
N GLU B 280 5.86 -2.84 14.08
CA GLU B 280 6.63 -2.18 13.05
C GLU B 280 5.63 -2.01 11.89
N PRO B 281 5.78 -0.96 11.07
CA PRO B 281 6.81 0.08 11.05
C PRO B 281 6.55 1.35 11.90
N VAL B 282 5.95 1.20 13.07
CA VAL B 282 5.71 2.37 13.92
C VAL B 282 6.23 2.08 15.32
N ASN B 283 7.12 2.93 15.80
CA ASN B 283 7.71 2.78 17.12
C ASN B 283 7.04 3.73 18.10
N PRO B 284 7.47 3.73 19.37
CA PRO B 284 6.80 4.66 20.29
C PRO B 284 7.04 6.11 19.94
N LEU B 285 6.21 6.98 20.52
CA LEU B 285 6.31 8.41 20.26
C LEU B 285 7.69 8.97 20.58
N SER B 286 8.06 10.03 19.89
CA SER B 286 9.32 10.70 20.14
C SER B 286 9.10 11.46 21.44
N PRO B 287 10.17 11.80 22.16
CA PRO B 287 10.03 12.54 23.42
C PRO B 287 9.17 13.79 23.23
N ASN B 288 9.47 14.58 22.20
CA ASN B 288 8.73 15.81 21.92
C ASN B 288 7.25 15.55 21.68
N ASP B 289 6.95 14.51 20.90
CA ASP B 289 5.55 14.17 20.61
C ASP B 289 4.85 13.64 21.85
N ARG B 290 5.59 12.92 22.70
CA ARG B 290 5.00 12.39 23.91
C ARG B 290 4.67 13.55 24.86
N LEU B 291 5.55 14.55 24.89
CA LEU B 291 5.34 15.72 25.75
C LEU B 291 4.09 16.47 25.29
N GLU B 292 3.91 16.60 23.98
CA GLU B 292 2.74 17.28 23.46
C GLU B 292 1.47 16.54 23.84
N LEU B 293 1.52 15.20 23.78
CA LEU B 293 0.35 14.39 24.13
C LEU B 293 -0.01 14.54 25.61
N GLU B 294 1.00 14.45 26.47
CA GLU B 294 0.76 14.59 27.91
C GLU B 294 0.14 15.96 28.16
N GLU B 295 0.67 16.96 27.47
CA GLU B 295 0.18 18.33 27.58
C GLU B 295 -1.31 18.40 27.24
N LEU B 296 -1.69 17.83 26.11
CA LEU B 296 -3.07 17.82 25.68
C LEU B 296 -3.96 17.06 26.66
N LEU B 297 -3.47 15.93 27.17
CA LEU B 297 -4.25 15.14 28.12
C LEU B 297 -4.41 15.91 29.43
N LYS B 298 -3.36 16.64 29.81
CA LYS B 298 -3.37 17.45 31.03
C LYS B 298 -4.51 18.45 30.87
N SER B 299 -4.57 19.07 29.69
CA SER B 299 -5.63 20.03 29.38
C SER B 299 -7.00 19.39 29.60
N TRP B 300 -7.29 18.32 28.85
CA TRP B 300 -8.55 17.63 28.95
C TRP B 300 -8.95 17.31 30.39
N ASN B 301 -7.98 16.96 31.23
CA ASN B 301 -8.25 16.66 32.63
C ASN B 301 -8.86 17.94 33.22
N THR B 302 -8.22 19.09 32.95
CA THR B 302 -8.66 20.39 33.42
C THR B 302 -10.13 20.63 33.13
N GLN B 303 -10.51 20.46 31.87
CA GLN B 303 -11.88 20.65 31.44
C GLN B 303 -12.78 19.66 32.17
#